data_3C1K
#
_entry.id   3C1K
#
_cell.length_a   70.839
_cell.length_b   72.279
_cell.length_c   73.195
_cell.angle_alpha   90.0
_cell.angle_beta   101.19
_cell.angle_gamma   90.0
#
_symmetry.space_group_name_H-M   'C 1 2 1'
#
loop_
_entity.id
_entity.type
_entity.pdbx_description
1 polymer Prothrombin
2 polymer Hirugen
3 non-polymer 2-{3-[(benzylsulfonyl)amino]-6-methyl-2-oxopyridin-1(2H)-yl}-N-({1-[2-(tert-butylamino)-2-oxoethyl]-4-methyl-1H-imidazol-5-yl}methyl)acetamide
4 water water
#
loop_
_entity_poly.entity_id
_entity_poly.type
_entity_poly.pdbx_seq_one_letter_code
_entity_poly.pdbx_strand_id
1 'polypeptide(L)'
;DCGLRPLFEKKSLEDKTERELLESYIDGRIVEGSDAEIGMSPWQVMLFRKSPQELLCGASLISDRWVLTAAHCLLYPPWD
KNFTENDLLVRIGKHSRTRYERNIEKISMLEKIYIHPRYNWRENLDRDIALMKLKKPVAFSDYIHPVCLPDRETAASLLQ
AGYKGRVTGWGNLKETWTANVGKGQPSVLQVVNLPIVERPVCKDSTRIRITDNMFCAGYKPDEGKRGDACEGDSGGPFVM
KSPFNNRWYQMGIVSWGEGCDRDGKYGFYTHVFRLKKWIQKVIDQFG
;
A
2 'polypeptide(L)' DFEEIPEE(TYS)LQ B
#
# COMPACT_ATOMS: atom_id res chain seq x y z
N ASP A 1 2.49 15.85 11.15
CA ASP A 1 2.32 16.40 9.77
C ASP A 1 1.76 15.38 8.75
N CYS A 2 1.66 14.12 9.19
CA CYS A 2 1.19 13.01 8.36
C CYS A 2 -0.13 13.25 7.63
N GLY A 3 -0.23 12.65 6.46
CA GLY A 3 -1.45 12.76 5.70
C GLY A 3 -1.80 14.07 5.03
N LEU A 4 -0.96 15.08 5.18
CA LEU A 4 -1.20 16.39 4.54
C LEU A 4 -0.18 16.48 3.39
N ARG A 5 -0.69 16.37 2.16
CA ARG A 5 0.16 16.37 0.97
C ARG A 5 0.68 17.75 0.56
N PRO A 6 2.01 17.90 0.43
CA PRO A 6 2.63 19.17 0.05
C PRO A 6 2.00 19.80 -1.19
N LEU A 7 1.72 19.00 -2.22
CA LEU A 7 1.15 19.54 -3.46
C LEU A 7 -0.34 19.65 -3.51
N PHE A 8 -1.02 19.26 -2.42
CA PHE A 8 -2.46 19.31 -2.44
C PHE A 8 -3.11 20.03 -1.25
N GLU A 9 -3.34 19.31 -0.14
CA GLU A 9 -3.96 19.90 1.05
C GLU A 9 -3.26 21.16 1.51
N LYS A 10 -1.93 21.14 1.44
CA LYS A 10 -1.12 22.26 1.85
C LYS A 10 -1.22 23.50 0.96
N LYS A 11 -1.80 23.35 -0.24
CA LYS A 11 -2.01 24.46 -1.17
C LYS A 11 -3.49 24.65 -1.39
N SER A 12 -4.27 23.76 -0.78
CA SER A 12 -5.73 23.79 -0.89
C SER A 12 -6.20 23.44 -2.29
N LEU A 13 -5.56 22.44 -2.89
CA LEU A 13 -5.94 21.97 -4.21
C LEU A 13 -6.44 20.53 -4.03
N GLU A 14 -7.59 20.21 -4.57
CA GLU A 14 -8.14 18.86 -4.47
C GLU A 14 -7.59 18.08 -5.65
N ASP A 15 -7.34 16.78 -5.50
CA ASP A 15 -6.88 15.97 -6.63
C ASP A 15 -8.10 15.64 -7.51
N LYS A 16 -7.88 15.18 -8.73
CA LYS A 16 -9.00 14.93 -9.63
C LYS A 16 -10.15 14.01 -9.23
N THR A 17 -9.95 13.15 -8.23
CA THR A 17 -11.03 12.26 -7.82
C THR A 17 -11.27 12.12 -6.31
N GLU A 18 -10.63 12.95 -5.49
CA GLU A 18 -10.84 12.80 -4.04
C GLU A 18 -12.30 13.07 -3.64
N ARG A 19 -13.01 13.85 -4.45
CA ARG A 19 -14.41 14.18 -4.19
C ARG A 19 -15.33 12.95 -4.20
N GLU A 20 -14.98 11.95 -5.03
CA GLU A 20 -15.74 10.71 -5.15
C GLU A 20 -15.70 10.02 -3.81
N LEU A 21 -14.52 10.02 -3.19
CA LEU A 21 -14.32 9.41 -1.89
C LEU A 21 -15.19 10.12 -0.87
N LEU A 22 -15.04 11.42 -0.79
CA LEU A 22 -15.80 12.22 0.16
C LEU A 22 -17.29 12.07 -0.01
N GLU A 23 -17.75 11.92 -1.25
CA GLU A 23 -19.18 11.78 -1.53
C GLU A 23 -19.79 10.43 -1.16
N SER A 24 -18.93 9.45 -0.88
CA SER A 24 -19.40 8.11 -0.49
C SER A 24 -19.56 8.02 1.04
N TYR A 25 -18.99 8.99 1.74
CA TYR A 25 -19.04 9.00 3.20
C TYR A 25 -20.37 9.57 3.68
N ILE A 26 -21.47 9.01 3.17
CA ILE A 26 -22.83 9.45 3.47
C ILE A 26 -23.11 9.61 4.97
N ILE A 30 -2.43 -2.48 -10.97
CA ILE A 30 -3.78 -1.93 -10.78
C ILE A 30 -4.52 -2.11 -12.10
N VAL A 31 -5.71 -2.69 -12.01
CA VAL A 31 -6.58 -2.97 -13.13
C VAL A 31 -7.70 -1.94 -13.14
N GLU A 32 -7.98 -1.37 -14.31
CA GLU A 32 -9.03 -0.38 -14.48
C GLU A 32 -8.85 0.92 -13.73
N GLY A 33 -7.59 1.27 -13.45
CA GLY A 33 -7.32 2.52 -12.77
C GLY A 33 -6.85 3.53 -13.79
N SER A 34 -6.34 4.66 -13.32
CA SER A 34 -5.86 5.72 -14.21
C SER A 34 -4.48 6.16 -13.73
N ASP A 35 -3.83 7.00 -14.54
CA ASP A 35 -2.49 7.51 -14.20
C ASP A 35 -2.58 8.44 -13.02
N ALA A 36 -1.63 8.33 -12.11
CA ALA A 36 -1.61 9.18 -10.94
C ALA A 36 -1.11 10.57 -11.33
N GLU A 37 -1.47 11.56 -10.52
CA GLU A 37 -1.00 12.92 -10.70
C GLU A 37 0.29 13.00 -9.91
N ILE A 38 1.14 13.96 -10.20
CA ILE A 38 2.39 14.08 -9.48
C ILE A 38 2.07 14.54 -8.05
N GLY A 39 2.77 13.95 -7.08
CA GLY A 39 2.59 14.28 -5.68
C GLY A 39 1.29 13.78 -5.04
N MET A 40 0.47 13.07 -5.81
CA MET A 40 -0.81 12.55 -5.33
C MET A 40 -0.71 11.55 -4.13
N SER A 41 0.32 10.70 -4.10
CA SER A 41 0.55 9.71 -3.03
C SER A 41 2.03 9.73 -2.61
N PRO A 42 2.45 10.77 -1.89
CA PRO A 42 3.85 10.93 -1.43
C PRO A 42 4.39 9.91 -0.42
N TRP A 43 3.54 8.97 -0.03
CA TRP A 43 3.93 7.93 0.92
C TRP A 43 4.20 6.62 0.18
N GLN A 44 3.83 6.57 -1.10
CA GLN A 44 4.02 5.35 -1.88
C GLN A 44 5.51 5.02 -1.98
N VAL A 45 5.85 3.78 -1.66
CA VAL A 45 7.23 3.32 -1.69
C VAL A 45 7.35 2.11 -2.64
N MET A 46 8.51 1.94 -3.26
CA MET A 46 8.72 0.80 -4.15
C MET A 46 9.77 -0.07 -3.53
N LEU A 47 9.51 -1.37 -3.45
CA LEU A 47 10.49 -2.31 -2.90
C LEU A 47 11.20 -2.83 -4.15
N PHE A 48 12.52 -2.68 -4.16
CA PHE A 48 13.32 -3.00 -5.32
C PHE A 48 14.42 -4.01 -5.02
N ARG A 49 14.42 -5.10 -5.77
CA ARG A 49 15.43 -6.12 -5.60
C ARG A 49 16.69 -5.71 -6.37
N LYS A 50 17.85 -5.90 -5.74
CA LYS A 50 19.13 -5.55 -6.37
C LYS A 50 19.52 -6.48 -7.53
N SER A 51 19.48 -7.80 -7.32
CA SER A 51 19.89 -8.73 -8.36
C SER A 51 19.02 -9.96 -8.51
N PRO A 52 18.24 -10.04 -9.60
CA PRO A 52 18.19 -8.99 -10.63
C PRO A 52 17.44 -7.75 -10.13
N GLN A 53 17.60 -6.67 -10.89
CA GLN A 53 16.95 -5.40 -10.59
C GLN A 53 15.50 -5.58 -11.00
N GLU A 54 14.60 -5.68 -10.03
CA GLU A 54 13.18 -5.85 -10.34
C GLU A 54 12.27 -5.35 -9.24
N LEU A 55 11.04 -5.02 -9.65
CA LEU A 55 10.03 -4.55 -8.72
C LEU A 55 9.53 -5.75 -7.91
N LEU A 56 9.59 -5.63 -6.58
CA LEU A 56 9.09 -6.68 -5.70
C LEU A 56 7.66 -6.37 -5.29
N CYS A 57 7.48 -5.23 -4.62
CA CYS A 57 6.17 -4.85 -4.08
C CYS A 57 6.08 -3.36 -3.86
N GLY A 58 4.92 -2.96 -3.39
CA GLY A 58 4.65 -1.58 -3.02
C GLY A 58 4.92 -1.55 -1.52
N ALA A 59 4.80 -0.38 -0.91
CA ALA A 59 5.02 -0.22 0.53
C ALA A 59 4.61 1.21 0.83
N SER A 60 4.78 1.63 2.08
CA SER A 60 4.41 2.98 2.48
C SER A 60 5.32 3.58 3.57
N LEU A 61 5.50 4.89 3.49
CA LEU A 61 6.34 5.59 4.46
C LEU A 61 5.44 6.11 5.58
N ILE A 62 5.74 5.69 6.81
CA ILE A 62 4.95 6.11 7.98
C ILE A 62 5.71 7.11 8.86
N SER A 63 7.00 7.28 8.59
CA SER A 63 7.83 8.26 9.28
C SER A 63 9.09 8.34 8.43
N ASP A 64 10.07 9.16 8.82
CA ASP A 64 11.31 9.28 8.05
C ASP A 64 12.24 8.05 8.11
N ARG A 65 11.97 7.15 9.04
CA ARG A 65 12.81 5.98 9.20
C ARG A 65 12.08 4.65 9.06
N TRP A 66 10.76 4.68 8.97
CA TRP A 66 9.98 3.45 8.89
C TRP A 66 9.09 3.31 7.67
N VAL A 67 9.03 2.09 7.17
CA VAL A 67 8.23 1.73 6.00
C VAL A 67 7.39 0.50 6.33
N LEU A 68 6.12 0.53 5.95
CA LEU A 68 5.21 -0.57 6.19
C LEU A 68 4.90 -1.30 4.89
N THR A 69 4.85 -2.63 4.94
CA THR A 69 4.55 -3.43 3.75
C THR A 69 3.86 -4.76 4.14
N ALA A 70 3.52 -5.59 3.16
CA ALA A 70 2.89 -6.90 3.39
C ALA A 70 4.00 -7.93 3.64
N ALA A 71 3.87 -8.74 4.69
CA ALA A 71 4.91 -9.74 4.99
C ALA A 71 5.14 -10.75 3.86
N HIS A 72 4.12 -10.99 3.04
CA HIS A 72 4.31 -11.96 1.94
C HIS A 72 5.31 -11.49 0.89
N CYS A 73 5.65 -10.19 0.93
CA CYS A 73 6.62 -9.59 0.02
C CYS A 73 8.05 -10.04 0.31
N LEU A 74 8.31 -10.36 1.57
CA LEU A 74 9.62 -10.79 2.01
C LEU A 74 9.74 -12.27 2.30
N LEU A 75 8.68 -12.84 2.81
CA LEU A 75 8.72 -14.24 3.20
C LEU A 75 7.48 -14.96 2.77
N TYR A 76 7.71 -16.01 2.02
CA TYR A 76 6.64 -16.85 1.54
C TYR A 76 7.24 -18.19 1.18
N PRO A 77 7.48 -19.04 2.20
CA PRO A 77 8.07 -20.38 1.98
C PRO A 77 7.52 -21.16 0.77
N PRO A 78 6.20 -21.08 0.49
CA PRO A 78 5.66 -21.81 -0.66
C PRO A 78 6.32 -21.50 -2.00
N TRP A 79 6.97 -20.34 -2.08
CA TRP A 79 7.65 -19.93 -3.31
C TRP A 79 9.13 -19.69 -3.03
N ASP A 80 9.63 -20.34 -1.98
CA ASP A 80 11.03 -20.23 -1.56
C ASP A 80 11.53 -18.81 -1.38
N LYS A 81 10.60 -17.91 -1.09
CA LYS A 81 10.92 -16.51 -0.90
C LYS A 81 11.28 -16.21 0.55
N ASN A 82 12.44 -15.61 0.74
CA ASN A 82 12.94 -15.24 2.05
C ASN A 82 14.02 -14.18 1.86
N PHE A 83 13.60 -12.99 1.42
CA PHE A 83 14.51 -11.86 1.18
C PHE A 83 15.02 -11.27 2.48
N THR A 84 16.31 -10.99 2.58
CA THR A 84 16.79 -10.37 3.81
C THR A 84 17.28 -8.95 3.50
N GLU A 85 17.62 -8.20 4.54
CA GLU A 85 18.09 -6.82 4.43
C GLU A 85 18.93 -6.50 3.21
N ASN A 86 20.07 -7.17 3.09
CA ASN A 86 20.99 -6.93 1.98
C ASN A 86 20.54 -7.33 0.57
N ASP A 87 19.29 -7.73 0.43
CA ASP A 87 18.76 -8.16 -0.85
C ASP A 87 17.97 -7.07 -1.55
N LEU A 88 17.53 -6.06 -0.80
CA LEU A 88 16.68 -5.04 -1.41
C LEU A 88 17.01 -3.59 -1.11
N LEU A 89 16.26 -2.74 -1.80
CA LEU A 89 16.37 -1.31 -1.67
C LEU A 89 14.95 -0.75 -1.63
N VAL A 90 14.80 0.38 -0.94
CA VAL A 90 13.54 1.08 -0.80
C VAL A 90 13.67 2.34 -1.67
N ARG A 91 12.73 2.54 -2.59
CA ARG A 91 12.74 3.70 -3.48
C ARG A 91 11.51 4.59 -3.23
N ILE A 92 11.79 5.75 -2.63
CA ILE A 92 10.76 6.69 -2.24
C ILE A 92 10.75 7.94 -3.10
N GLY A 93 9.56 8.44 -3.43
CA GLY A 93 9.41 9.65 -4.22
C GLY A 93 9.11 9.42 -5.69
N LYS A 94 8.88 8.17 -6.06
CA LYS A 94 8.65 7.81 -7.46
C LYS A 94 7.29 8.00 -8.13
N HIS A 95 7.35 8.19 -9.45
CA HIS A 95 6.19 8.37 -10.29
C HIS A 95 6.34 7.33 -11.40
N SER A 96 7.54 7.27 -11.98
CA SER A 96 7.88 6.33 -13.05
C SER A 96 8.27 4.97 -12.44
N ARG A 97 7.77 3.89 -13.03
CA ARG A 97 8.07 2.54 -12.58
C ARG A 97 9.54 2.18 -12.78
N THR A 98 9.99 2.27 -14.03
CA THR A 98 11.36 1.88 -14.41
C THR A 98 12.51 2.89 -14.43
N ARG A 99 12.22 4.17 -14.59
CA ARG A 99 13.27 5.17 -14.66
C ARG A 99 13.86 5.64 -13.34
N TYR A 100 15.14 5.98 -13.37
CA TYR A 100 15.80 6.48 -12.16
C TYR A 100 15.55 7.98 -12.16
N GLU A 101 14.54 8.40 -11.40
CA GLU A 101 14.15 9.79 -11.33
C GLU A 101 15.12 10.67 -10.54
N ARG A 102 16.24 10.97 -11.20
CA ARG A 102 17.34 11.77 -10.65
C ARG A 102 16.84 13.08 -10.05
N ASN A 103 17.32 13.34 -8.83
CA ASN A 103 16.99 14.52 -8.04
C ASN A 103 15.58 14.48 -7.41
N ILE A 104 14.75 13.53 -7.80
CA ILE A 104 13.41 13.41 -7.26
C ILE A 104 13.26 12.26 -6.26
N GLU A 105 13.62 11.04 -6.67
CA GLU A 105 13.51 9.88 -5.78
C GLU A 105 14.71 9.75 -4.84
N LYS A 106 14.55 8.93 -3.81
CA LYS A 106 15.60 8.65 -2.86
C LYS A 106 15.64 7.12 -2.69
N ILE A 107 16.85 6.58 -2.60
CA ILE A 107 17.06 5.15 -2.46
C ILE A 107 17.65 4.85 -1.09
N SER A 108 17.03 3.95 -0.35
CA SER A 108 17.52 3.59 0.99
C SER A 108 17.82 2.12 1.14
N MET A 109 18.71 1.83 2.09
CA MET A 109 19.13 0.47 2.42
C MET A 109 18.50 0.20 3.77
N LEU A 110 18.22 -1.07 4.05
CA LEU A 110 17.58 -1.44 5.31
C LEU A 110 18.54 -1.91 6.39
N GLU A 111 18.17 -1.60 7.63
CA GLU A 111 18.95 -1.98 8.78
C GLU A 111 18.37 -3.28 9.38
N LYS A 112 17.04 -3.39 9.36
CA LYS A 112 16.38 -4.55 9.93
C LYS A 112 14.96 -4.67 9.42
N ILE A 113 14.54 -5.91 9.19
CA ILE A 113 13.17 -6.21 8.73
C ILE A 113 12.46 -6.87 9.93
N TYR A 114 11.21 -6.51 10.18
CA TYR A 114 10.45 -7.09 11.28
C TYR A 114 9.15 -7.66 10.76
N ILE A 115 9.03 -8.98 10.82
CA ILE A 115 7.83 -9.67 10.36
C ILE A 115 7.01 -10.06 11.58
N HIS A 116 5.70 -9.81 11.53
CA HIS A 116 4.81 -10.16 12.64
C HIS A 116 5.08 -11.63 13.02
N PRO A 117 5.35 -11.90 14.32
CA PRO A 117 5.63 -13.25 14.79
C PRO A 117 4.52 -14.27 14.52
N ARG A 118 3.28 -13.83 14.35
CA ARG A 118 2.19 -14.74 14.05
C ARG A 118 1.61 -14.61 12.64
N TYR A 119 2.45 -14.20 11.69
CA TYR A 119 2.07 -14.07 10.28
C TYR A 119 1.76 -15.49 9.84
N ASN A 120 0.58 -15.69 9.28
CA ASN A 120 0.15 -17.03 8.87
C ASN A 120 0.31 -17.30 7.36
N TRP A 121 1.51 -17.67 6.95
CA TRP A 121 1.76 -17.96 5.53
C TRP A 121 1.29 -19.34 5.14
N ARG A 122 1.16 -20.22 6.13
CA ARG A 122 0.72 -21.59 5.92
C ARG A 122 -0.72 -21.70 5.53
N GLU A 123 -1.51 -20.66 5.75
CA GLU A 123 -2.93 -20.80 5.47
C GLU A 123 -3.69 -19.74 4.66
N ASN A 124 -3.92 -18.58 5.26
CA ASN A 124 -4.70 -17.55 4.59
C ASN A 124 -4.10 -16.14 4.59
N LEU A 125 -2.80 -16.06 4.85
CA LEU A 125 -2.08 -14.78 4.91
C LEU A 125 -2.61 -13.87 6.04
N ASP A 126 -2.99 -14.50 7.16
CA ASP A 126 -3.49 -13.75 8.31
C ASP A 126 -2.29 -13.01 8.89
N ARG A 127 -2.51 -11.76 9.30
CA ARG A 127 -1.45 -10.89 9.86
C ARG A 127 -0.30 -10.68 8.85
N ASP A 128 -0.69 -10.33 7.62
CA ASP A 128 0.23 -10.08 6.51
C ASP A 128 0.75 -8.63 6.66
N ILE A 129 1.76 -8.46 7.50
CA ILE A 129 2.28 -7.13 7.76
C ILE A 129 3.72 -7.27 8.16
N ALA A 130 4.53 -6.25 7.84
CA ALA A 130 5.96 -6.24 8.17
C ALA A 130 6.42 -4.79 8.22
N LEU A 131 7.42 -4.52 9.06
CA LEU A 131 8.01 -3.18 9.19
C LEU A 131 9.48 -3.23 8.80
N MET A 132 9.94 -2.17 8.15
CA MET A 132 11.32 -2.05 7.73
C MET A 132 11.95 -0.76 8.24
N LYS A 133 13.07 -0.91 8.94
CA LYS A 133 13.84 0.21 9.51
C LYS A 133 14.92 0.62 8.54
N LEU A 134 14.82 1.83 8.01
CA LEU A 134 15.81 2.35 7.06
C LEU A 134 17.09 2.68 7.82
N LYS A 135 18.25 2.53 7.19
CA LYS A 135 19.53 2.84 7.86
C LYS A 135 19.65 4.30 8.32
N LYS A 136 19.11 5.22 7.54
CA LYS A 136 19.15 6.64 7.87
C LYS A 136 17.87 7.29 7.38
N PRO A 137 17.39 8.30 8.11
CA PRO A 137 16.16 9.01 7.76
C PRO A 137 16.21 9.65 6.39
N VAL A 138 15.08 9.64 5.69
CA VAL A 138 14.99 10.27 4.39
C VAL A 138 14.43 11.65 4.75
N ALA A 139 14.64 12.63 3.89
CA ALA A 139 14.11 13.95 4.16
C ALA A 139 12.88 14.02 3.31
N PHE A 140 11.84 14.65 3.83
CA PHE A 140 10.59 14.80 3.10
C PHE A 140 10.77 15.91 2.07
N SER A 141 9.86 16.02 1.12
CA SER A 141 9.92 17.02 0.06
C SER A 141 8.52 17.04 -0.53
N ASP A 142 8.35 17.65 -1.70
CA ASP A 142 7.05 17.70 -2.35
C ASP A 142 6.52 16.34 -2.77
N TYR A 143 7.43 15.40 -3.00
CA TYR A 143 7.06 14.06 -3.47
C TYR A 143 7.26 12.95 -2.42
N ILE A 144 7.78 13.31 -1.25
CA ILE A 144 8.05 12.35 -0.16
C ILE A 144 7.46 12.91 1.15
N HIS A 145 6.43 12.25 1.68
CA HIS A 145 5.76 12.69 2.91
C HIS A 145 5.03 11.46 3.50
N PRO A 146 5.07 11.26 4.83
CA PRO A 146 4.40 10.09 5.41
C PRO A 146 2.87 10.13 5.54
N VAL A 147 2.27 8.95 5.48
CA VAL A 147 0.82 8.81 5.64
C VAL A 147 0.52 8.57 7.15
N CYS A 148 -0.68 8.95 7.58
CA CYS A 148 -1.09 8.75 8.97
C CYS A 148 -1.60 7.30 9.18
N LEU A 149 -1.38 6.77 10.38
CA LEU A 149 -1.90 5.45 10.77
C LEU A 149 -3.17 5.80 11.55
N PRO A 150 -4.27 5.05 11.36
CA PRO A 150 -5.51 5.37 12.06
C PRO A 150 -5.58 5.15 13.58
N ASP A 151 -6.48 5.92 14.19
CA ASP A 151 -6.80 5.83 15.60
C ASP A 151 -8.14 5.05 15.64
N ARG A 152 -8.52 4.55 16.80
CA ARG A 152 -9.75 3.77 16.90
C ARG A 152 -10.98 4.50 16.39
N GLU A 153 -11.04 5.81 16.64
CA GLU A 153 -12.19 6.63 16.25
C GLU A 153 -12.32 6.80 14.73
N THR A 154 -11.20 7.10 14.07
CA THR A 154 -11.20 7.28 12.62
C THR A 154 -11.59 5.96 11.96
N ALA A 155 -11.00 4.86 12.43
CA ALA A 155 -11.29 3.52 11.90
C ALA A 155 -12.77 3.21 12.04
N ALA A 156 -13.29 3.42 13.24
CA ALA A 156 -14.69 3.18 13.54
C ALA A 156 -15.62 3.91 12.59
N SER A 157 -15.38 5.20 12.37
CA SER A 157 -16.26 6.00 11.51
C SER A 157 -16.09 5.89 9.99
N LEU A 158 -14.89 5.51 9.52
CA LEU A 158 -14.67 5.44 8.09
C LEU A 158 -14.73 4.06 7.46
N LEU A 159 -14.25 3.05 8.18
CA LEU A 159 -14.23 1.69 7.65
C LEU A 159 -15.63 1.07 7.66
N GLN A 160 -16.49 1.59 6.80
CA GLN A 160 -17.85 1.12 6.71
C GLN A 160 -18.19 0.71 5.27
N ALA A 161 -18.97 -0.36 5.11
CA ALA A 161 -19.34 -0.85 3.80
C ALA A 161 -19.94 0.28 3.00
N GLY A 162 -19.54 0.38 1.73
CA GLY A 162 -20.07 1.45 0.89
C GLY A 162 -19.12 2.62 0.77
N TYR A 163 -18.28 2.82 1.79
CA TYR A 163 -17.32 3.91 1.77
C TYR A 163 -16.14 3.51 0.88
N LYS A 164 -15.68 4.47 0.10
CA LYS A 164 -14.58 4.26 -0.82
C LYS A 164 -13.21 4.62 -0.27
N GLY A 165 -12.24 3.86 -0.75
CA GLY A 165 -10.87 4.03 -0.38
C GLY A 165 -10.10 4.10 -1.70
N ARG A 166 -8.78 4.23 -1.62
CA ARG A 166 -7.93 4.39 -2.80
C ARG A 166 -6.72 3.51 -2.70
N VAL A 167 -6.40 2.82 -3.80
CA VAL A 167 -5.26 1.91 -3.87
C VAL A 167 -4.33 2.41 -4.99
N THR A 168 -3.03 2.25 -4.81
CA THR A 168 -2.07 2.68 -5.80
C THR A 168 -0.92 1.70 -5.93
N GLY A 169 -0.30 1.67 -7.10
CA GLY A 169 0.82 0.77 -7.31
C GLY A 169 1.28 0.65 -8.76
N TRP A 170 2.45 0.07 -8.94
CA TRP A 170 3.07 -0.13 -10.26
C TRP A 170 2.94 -1.58 -10.70
N GLY A 171 1.91 -2.27 -10.21
CA GLY A 171 1.72 -3.67 -10.56
C GLY A 171 1.00 -3.85 -11.87
N ASN A 172 0.82 -5.10 -12.26
CA ASN A 172 0.16 -5.47 -13.50
C ASN A 172 -1.16 -4.74 -13.77
N LEU A 173 -1.37 -4.39 -15.04
CA LEU A 173 -2.59 -3.71 -15.48
C LEU A 173 -3.68 -4.70 -15.89
N LYS A 174 -3.30 -5.98 -15.95
CA LYS A 174 -4.21 -7.06 -16.34
C LYS A 174 -3.75 -8.32 -15.62
N GLU A 175 -4.69 -9.23 -15.36
CA GLU A 175 -4.36 -10.51 -14.71
C GLU A 175 -3.58 -11.39 -15.68
N GLY A 184 1.39 -6.40 -19.52
CA GLY A 184 1.98 -5.05 -19.51
C GLY A 184 1.87 -4.38 -18.14
N GLN A 185 2.96 -3.76 -17.74
CA GLN A 185 3.04 -3.04 -16.49
C GLN A 185 2.91 -1.58 -16.94
N PRO A 186 2.39 -0.69 -16.07
CA PRO A 186 2.22 0.71 -16.43
C PRO A 186 3.51 1.51 -16.56
N SER A 187 3.40 2.63 -17.24
CA SER A 187 4.53 3.52 -17.41
C SER A 187 4.74 4.20 -16.05
N VAL A 188 3.65 4.68 -15.48
CA VAL A 188 3.71 5.36 -14.19
C VAL A 188 2.71 4.83 -13.18
N LEU A 189 2.82 5.34 -11.95
CA LEU A 189 1.93 4.98 -10.84
C LEU A 189 0.46 5.03 -11.19
N GLN A 190 -0.24 3.94 -10.91
CA GLN A 190 -1.66 3.82 -11.18
C GLN A 190 -2.46 4.02 -9.89
N VAL A 191 -3.70 4.45 -10.03
CA VAL A 191 -4.57 4.69 -8.89
C VAL A 191 -5.99 4.25 -9.20
N VAL A 192 -6.71 3.75 -8.19
CA VAL A 192 -8.11 3.35 -8.36
C VAL A 192 -8.86 3.51 -7.02
N ASN A 193 -10.09 3.99 -7.11
CA ASN A 193 -10.96 4.22 -5.93
C ASN A 193 -11.99 3.10 -5.83
N LEU A 194 -12.03 2.38 -4.70
CA LEU A 194 -12.93 1.23 -4.53
C LEU A 194 -13.78 1.29 -3.27
N PRO A 195 -15.01 0.73 -3.32
CA PRO A 195 -15.86 0.74 -2.12
C PRO A 195 -15.57 -0.44 -1.20
N ILE A 196 -15.66 -0.24 0.11
CA ILE A 196 -15.46 -1.32 1.08
C ILE A 196 -16.71 -2.23 1.00
N VAL A 197 -16.50 -3.53 1.02
CA VAL A 197 -17.61 -4.50 0.90
C VAL A 197 -18.00 -5.16 2.24
N GLU A 198 -19.29 -5.42 2.37
CA GLU A 198 -19.91 -6.05 3.54
C GLU A 198 -19.23 -7.39 3.84
N ARG A 199 -18.80 -7.60 5.08
CA ARG A 199 -18.13 -8.84 5.46
C ARG A 199 -18.82 -10.12 4.95
N PRO A 200 -20.17 -10.20 5.02
CA PRO A 200 -20.88 -11.39 4.53
C PRO A 200 -20.56 -11.68 3.07
N VAL A 201 -20.63 -10.62 2.26
CA VAL A 201 -20.33 -10.68 0.84
C VAL A 201 -18.87 -11.10 0.62
N CYS A 202 -17.95 -10.56 1.42
CA CYS A 202 -16.54 -10.93 1.28
C CYS A 202 -16.38 -12.43 1.56
N LYS A 203 -16.97 -12.87 2.66
CA LYS A 203 -16.93 -14.26 3.10
C LYS A 203 -17.49 -15.23 2.05
N ASP A 204 -18.63 -14.87 1.47
CA ASP A 204 -19.30 -15.70 0.46
C ASP A 204 -18.67 -15.78 -0.94
N SER A 205 -17.57 -15.06 -1.15
CA SER A 205 -16.93 -15.03 -2.45
C SER A 205 -15.71 -15.93 -2.58
N THR A 206 -15.30 -16.52 -1.49
CA THR A 206 -14.10 -17.33 -1.50
C THR A 206 -14.23 -18.55 -0.60
N ARG A 207 -13.32 -19.50 -0.77
CA ARG A 207 -13.28 -20.71 0.04
C ARG A 207 -12.28 -20.48 1.15
N ILE A 208 -11.55 -19.37 1.08
CA ILE A 208 -10.54 -19.04 2.06
C ILE A 208 -11.16 -18.59 3.37
N ARG A 209 -10.54 -18.99 4.48
CA ARG A 209 -11.04 -18.60 5.80
C ARG A 209 -10.66 -17.14 6.09
N ILE A 210 -11.65 -16.25 6.05
CA ILE A 210 -11.44 -14.83 6.32
C ILE A 210 -11.46 -14.48 7.82
N THR A 211 -10.41 -13.81 8.28
CA THR A 211 -10.27 -13.43 9.69
C THR A 211 -10.69 -11.98 9.89
N ASP A 212 -10.71 -11.54 11.14
CA ASP A 212 -11.09 -10.18 11.49
C ASP A 212 -9.96 -9.19 11.21
N ASN A 213 -8.78 -9.72 10.90
CA ASN A 213 -7.58 -8.92 10.56
C ASN A 213 -7.57 -8.60 9.06
N MET A 214 -8.72 -8.66 8.42
CA MET A 214 -8.83 -8.41 7.00
C MET A 214 -10.14 -7.76 6.66
N PHE A 215 -10.20 -7.15 5.48
CA PHE A 215 -11.42 -6.56 4.95
C PHE A 215 -11.26 -6.69 3.43
N CYS A 216 -12.36 -6.64 2.69
CA CYS A 216 -12.29 -6.76 1.22
C CYS A 216 -12.93 -5.54 0.58
N ALA A 217 -12.53 -5.23 -0.66
CA ALA A 217 -13.07 -4.07 -1.37
C ALA A 217 -13.23 -4.30 -2.87
N GLY A 218 -14.11 -3.55 -3.48
CA GLY A 218 -14.37 -3.70 -4.91
C GLY A 218 -15.84 -3.53 -5.23
N TYR A 219 -16.14 -3.53 -6.51
CA TYR A 219 -17.49 -3.36 -7.00
C TYR A 219 -18.21 -4.69 -7.21
N LYS A 220 -19.51 -4.69 -6.93
CA LYS A 220 -20.35 -5.87 -7.12
C LYS A 220 -20.49 -5.98 -8.63
N PRO A 221 -20.66 -7.21 -9.15
CA PRO A 221 -20.80 -7.39 -10.61
C PRO A 221 -21.95 -6.61 -11.25
N ASP A 222 -22.94 -6.23 -10.47
CA ASP A 222 -24.06 -5.48 -10.99
C ASP A 222 -23.86 -3.96 -10.93
N GLU A 223 -22.94 -3.50 -10.08
CA GLU A 223 -22.67 -2.07 -9.89
C GLU A 223 -22.15 -1.35 -11.12
N GLY A 224 -21.66 -2.10 -12.09
CA GLY A 224 -21.17 -1.49 -13.30
C GLY A 224 -19.68 -1.20 -13.27
N LYS A 225 -19.27 -0.21 -12.49
CA LYS A 225 -17.86 0.14 -12.40
C LYS A 225 -17.04 -1.07 -11.95
N ARG A 226 -15.73 -1.02 -12.19
CA ARG A 226 -14.82 -2.09 -11.78
C ARG A 226 -13.43 -1.58 -11.44
N GLY A 227 -12.51 -2.48 -11.16
CA GLY A 227 -11.15 -2.10 -10.78
C GLY A 227 -10.63 -2.99 -9.66
N ASP A 228 -9.31 -3.12 -9.51
CA ASP A 228 -8.73 -3.97 -8.47
C ASP A 228 -7.21 -3.79 -8.48
N ALA A 229 -6.55 -4.39 -7.50
CA ALA A 229 -5.11 -4.39 -7.35
C ALA A 229 -4.68 -5.71 -8.04
N CYS A 230 -3.38 -5.94 -8.20
CA CYS A 230 -2.89 -7.15 -8.89
C CYS A 230 -1.41 -7.37 -8.53
N GLU A 231 -0.79 -8.43 -9.07
CA GLU A 231 0.62 -8.72 -8.80
C GLU A 231 1.47 -7.44 -8.94
N GLY A 232 2.46 -7.24 -8.07
CA GLY A 232 3.27 -6.03 -8.13
C GLY A 232 2.74 -5.01 -7.14
N ASP A 233 1.42 -4.94 -7.03
CA ASP A 233 0.74 -4.04 -6.11
C ASP A 233 0.78 -4.41 -4.62
N SER A 234 0.98 -5.69 -4.33
CA SER A 234 1.05 -6.20 -2.95
C SER A 234 1.93 -5.32 -2.10
N GLY A 235 1.53 -5.12 -0.85
CA GLY A 235 2.34 -4.33 0.06
C GLY A 235 2.02 -2.85 0.05
N GLY A 236 1.27 -2.43 -0.95
CA GLY A 236 0.93 -1.02 -1.03
C GLY A 236 -0.19 -0.61 -0.09
N PRO A 237 -0.50 0.69 -0.03
CA PRO A 237 -1.55 1.19 0.86
C PRO A 237 -2.93 1.34 0.26
N PHE A 238 -3.92 1.16 1.13
CA PHE A 238 -5.33 1.37 0.82
C PHE A 238 -5.53 2.54 1.79
N VAL A 239 -5.82 3.72 1.27
CA VAL A 239 -5.96 4.91 2.13
C VAL A 239 -7.33 5.54 1.99
N MET A 240 -7.69 6.34 3.00
CA MET A 240 -8.95 7.06 3.03
C MET A 240 -8.69 8.48 3.52
N LYS A 241 -9.51 9.43 3.09
CA LYS A 241 -9.35 10.83 3.51
C LYS A 241 -10.42 11.17 4.53
N SER A 242 -9.99 11.57 5.71
CA SER A 242 -10.93 11.93 6.75
C SER A 242 -11.67 13.22 6.48
N PRO A 243 -13.02 13.18 6.51
CA PRO A 243 -13.83 14.38 6.29
C PRO A 243 -13.83 15.27 7.56
N PHE A 244 -13.16 14.80 8.62
CA PHE A 244 -13.07 15.51 9.89
C PHE A 244 -11.85 16.42 10.01
N ASN A 245 -10.69 15.90 9.62
CA ASN A 245 -9.48 16.69 9.70
C ASN A 245 -8.73 16.81 8.39
N ASN A 246 -9.38 16.32 7.32
CA ASN A 246 -8.83 16.34 5.96
C ASN A 246 -7.46 15.69 5.71
N ARG A 247 -7.12 14.70 6.53
CA ARG A 247 -5.87 13.97 6.38
C ARG A 247 -6.10 12.63 5.76
N TRP A 248 -5.06 12.06 5.18
CA TRP A 248 -5.13 10.73 4.58
C TRP A 248 -4.58 9.73 5.59
N TYR A 249 -5.33 8.65 5.82
CA TYR A 249 -4.95 7.60 6.76
C TYR A 249 -4.83 6.31 6.00
N GLN A 250 -3.88 5.46 6.37
CA GLN A 250 -3.77 4.17 5.72
C GLN A 250 -4.58 3.12 6.51
N MET A 251 -5.71 2.73 5.96
CA MET A 251 -6.61 1.75 6.57
C MET A 251 -6.23 0.30 6.28
N GLY A 252 -5.63 0.06 5.10
CA GLY A 252 -5.24 -1.29 4.72
C GLY A 252 -3.94 -1.46 3.95
N ILE A 253 -3.48 -2.71 3.86
CA ILE A 253 -2.29 -3.10 3.12
C ILE A 253 -2.77 -4.08 2.08
N VAL A 254 -2.48 -3.79 0.82
CA VAL A 254 -2.87 -4.65 -0.30
C VAL A 254 -2.29 -6.04 0.02
N SER A 255 -3.16 -7.03 0.12
CA SER A 255 -2.72 -8.36 0.48
C SER A 255 -2.81 -9.47 -0.55
N TRP A 256 -4.03 -9.90 -0.85
CA TRP A 256 -4.19 -11.02 -1.75
C TRP A 256 -5.53 -10.99 -2.45
N GLY A 257 -5.61 -11.80 -3.49
CA GLY A 257 -6.84 -11.91 -4.25
C GLY A 257 -6.73 -13.16 -5.09
N GLU A 258 -7.85 -13.58 -5.64
CA GLU A 258 -7.91 -14.73 -6.50
C GLU A 258 -8.08 -14.11 -7.90
N GLY A 259 -6.96 -13.99 -8.61
CA GLY A 259 -6.95 -13.36 -9.91
C GLY A 259 -6.91 -11.86 -9.68
N CYS A 260 -7.44 -11.08 -10.61
CA CYS A 260 -7.49 -9.62 -10.51
C CYS A 260 -8.70 -9.16 -11.29
N ASP A 261 -9.50 -8.31 -10.67
CA ASP A 261 -10.72 -7.76 -11.28
C ASP A 261 -11.75 -8.77 -11.78
N ARG A 262 -11.72 -9.99 -11.23
CA ARG A 262 -12.66 -11.03 -11.64
C ARG A 262 -14.03 -10.70 -11.06
N ASP A 263 -15.10 -10.93 -11.81
CA ASP A 263 -16.46 -10.64 -11.32
C ASP A 263 -16.82 -11.61 -10.20
N GLY A 264 -17.49 -11.10 -9.17
CA GLY A 264 -17.86 -11.93 -8.05
C GLY A 264 -16.70 -12.13 -7.07
N LYS A 265 -15.55 -11.53 -7.35
CA LYS A 265 -14.39 -11.65 -6.46
C LYS A 265 -14.01 -10.25 -5.96
N TYR A 266 -13.19 -10.20 -4.92
CA TYR A 266 -12.82 -8.92 -4.33
C TYR A 266 -11.41 -8.96 -3.81
N GLY A 267 -10.83 -7.79 -3.59
CA GLY A 267 -9.49 -7.76 -3.07
C GLY A 267 -9.51 -7.78 -1.55
N PHE A 268 -8.50 -8.42 -0.97
CA PHE A 268 -8.36 -8.52 0.48
C PHE A 268 -7.17 -7.74 0.97
N TYR A 269 -7.40 -7.02 2.07
CA TYR A 269 -6.42 -6.13 2.66
C TYR A 269 -6.17 -6.42 4.14
N THR A 270 -4.93 -6.21 4.56
CA THR A 270 -4.56 -6.38 5.95
C THR A 270 -5.19 -5.21 6.72
N HIS A 271 -5.92 -5.51 7.79
CA HIS A 271 -6.58 -4.49 8.62
C HIS A 271 -5.52 -3.81 9.48
N VAL A 272 -5.10 -2.62 9.08
CA VAL A 272 -4.03 -1.94 9.82
C VAL A 272 -4.37 -1.60 11.27
N PHE A 273 -5.53 -1.00 11.53
CA PHE A 273 -5.85 -0.67 12.92
C PHE A 273 -5.79 -1.88 13.86
N ARG A 274 -6.32 -3.01 13.42
CA ARG A 274 -6.32 -4.24 14.21
C ARG A 274 -4.93 -4.67 14.61
N LEU A 275 -3.91 -4.26 13.86
CA LEU A 275 -2.55 -4.66 14.18
C LEU A 275 -1.66 -3.51 14.65
N LYS A 276 -2.27 -2.38 14.96
CA LYS A 276 -1.52 -1.19 15.36
C LYS A 276 -0.72 -1.31 16.65
N LYS A 277 -1.19 -2.13 17.59
CA LYS A 277 -0.49 -2.30 18.86
C LYS A 277 0.85 -3.05 18.65
N TRP A 278 0.92 -3.88 17.62
CA TRP A 278 2.16 -4.59 17.32
C TRP A 278 3.11 -3.58 16.69
N ILE A 279 2.56 -2.77 15.78
CA ILE A 279 3.33 -1.73 15.08
C ILE A 279 3.98 -0.84 16.13
N GLN A 280 3.16 -0.33 17.06
CA GLN A 280 3.63 0.54 18.14
C GLN A 280 4.74 -0.14 18.95
N LYS A 281 4.48 -1.35 19.38
CA LYS A 281 5.40 -2.15 20.17
C LYS A 281 6.81 -2.20 19.53
N VAL A 282 6.84 -2.59 18.25
CA VAL A 282 8.09 -2.71 17.50
C VAL A 282 8.77 -1.35 17.33
N ILE A 283 8.00 -0.34 16.95
CA ILE A 283 8.53 0.99 16.73
C ILE A 283 9.17 1.59 17.98
N ASP A 284 8.47 1.58 19.11
CA ASP A 284 9.04 2.17 20.31
C ASP A 284 10.18 1.35 20.91
N GLN A 285 10.11 0.02 20.76
CA GLN A 285 11.18 -0.83 21.29
C GLN A 285 12.44 -0.81 20.41
N PHE A 286 12.28 -0.47 19.13
CA PHE A 286 13.42 -0.43 18.21
C PHE A 286 13.62 0.94 17.54
N GLY A 287 13.20 2.00 18.23
CA GLY A 287 13.35 3.34 17.71
C GLY A 287 12.44 3.70 16.55
N ASP B 1 13.14 -3.96 -17.85
CA ASP B 1 13.24 -2.64 -18.52
C ASP B 1 13.62 -1.53 -17.55
N PHE B 2 14.11 -1.91 -16.37
CA PHE B 2 14.49 -0.91 -15.37
C PHE B 2 15.82 -0.26 -15.65
N GLU B 3 15.83 1.06 -15.54
CA GLU B 3 17.01 1.88 -15.77
C GLU B 3 18.05 1.61 -14.69
N GLU B 4 19.31 1.63 -15.06
CA GLU B 4 20.40 1.39 -14.13
C GLU B 4 20.33 2.45 -13.05
N ILE B 5 20.81 2.13 -11.86
CA ILE B 5 20.79 3.08 -10.75
C ILE B 5 22.20 3.27 -10.21
N PRO B 6 22.47 4.41 -9.56
CA PRO B 6 23.78 4.69 -8.99
C PRO B 6 24.37 3.54 -8.15
N GLU B 7 25.52 3.04 -8.61
CA GLU B 7 26.23 1.93 -7.96
C GLU B 7 26.51 2.17 -6.47
N GLU B 8 26.54 3.43 -6.07
CA GLU B 8 26.78 3.79 -4.68
C GLU B 8 25.75 3.12 -3.77
N LEU B 10 24.00 0.33 -4.58
CA LEU B 10 24.12 -1.11 -4.72
C LEU B 10 25.05 -1.76 -3.71
N GLN B 11 26.10 -1.04 -3.32
CA GLN B 11 27.09 -1.53 -2.38
C GLN B 11 26.57 -1.71 -0.95
#